data_8ARZ
#
_entry.id   8ARZ
#
_cell.length_a   82.049
_cell.length_b   112.494
_cell.length_c   62.499
_cell.angle_alpha   90.00
_cell.angle_beta   90.00
_cell.angle_gamma   90.00
#
_symmetry.space_group_name_H-M   'C 2 2 21'
#
loop_
_entity.id
_entity.type
_entity.pdbx_description
1 polymer '14-3-3 protein sigma'
2 polymer 'Estrogen receptor'
3 non-polymer 'MAGNESIUM ION'
4 non-polymer 2-chloranyl-N-[[1-[1-[(4-chlorophenyl)amino]cyclopropyl]carbonylpiperidin-4-yl]methyl]ethanamide
5 water water
#
loop_
_entity_poly.entity_id
_entity_poly.type
_entity_poly.pdbx_seq_one_letter_code
_entity_poly.pdbx_strand_id
1 'polypeptide(L)'
;GAMGSMERASLIQKAKLAEQAERYEDMAAFMKGAVEKGEELSCEERNLLSVAYKNVVGGQRAAWRVLSSIEQKSNEEGSE
EKGPEVREYREKVETELQGVCDTVLGLLDSHLIKEAGDAESRVFYLKMKGDYYRYLAEVATGDDKKRIIDSARSAYQEAM
DISKKEMPPTNPIRLGLALNFSVFHYEIANSPEEAISLAKTTFDEAMADLHTLSEDSYKDSTLIMQLLRDNLTLWT
;
A
2 'polypeptide(L)' FPA(TPO)V B
#
loop_
_chem_comp.id
_chem_comp.type
_chem_comp.name
_chem_comp.formula
MG non-polymer 'MAGNESIUM ION' 'Mg 2'
NQ0 non-polymer 2-chloranyl-N-[[1-[1-[(4-chlorophenyl)amino]cyclopropyl]carbonylpiperidin-4-yl]methyl]ethanamide 'C18 H23 Cl2 N3 O2'
#
# COMPACT_ATOMS: atom_id res chain seq x y z
N GLY A 1 22.89 3.76 4.52
CA GLY A 1 22.75 5.06 5.22
C GLY A 1 23.51 6.18 4.54
N ALA A 2 23.31 6.30 3.22
CA ALA A 2 23.81 7.45 2.44
C ALA A 2 23.24 8.78 2.95
N MET A 3 22.11 8.72 3.66
CA MET A 3 21.46 9.90 4.22
C MET A 3 21.85 10.14 5.66
N GLY A 4 22.77 9.34 6.18
CA GLY A 4 23.18 9.44 7.56
C GLY A 4 23.77 10.75 7.99
N SER A 5 24.40 11.48 7.06
CA SER A 5 24.97 12.77 7.38
C SER A 5 24.04 13.95 7.26
N MET A 6 22.82 13.73 6.77
CA MET A 6 21.86 14.82 6.57
C MET A 6 20.93 14.95 7.75
N GLU A 7 20.69 16.20 8.18
CA GLU A 7 19.74 16.48 9.23
C GLU A 7 18.36 15.93 8.92
N ARG A 8 17.69 15.41 9.95
CA ARG A 8 16.30 14.93 9.82
C ARG A 8 15.44 16.01 9.15
N ALA A 9 15.48 17.25 9.63
CA ALA A 9 14.60 18.26 9.10
C ALA A 9 14.89 18.54 7.62
N SER A 10 16.17 18.48 7.25
CA SER A 10 16.57 18.69 5.86
C SER A 10 16.08 17.57 4.96
N LEU A 11 16.07 16.34 5.48
CA LEU A 11 15.54 15.21 4.70
C LEU A 11 14.05 15.39 4.46
N ILE A 12 13.32 15.82 5.50
CA ILE A 12 11.89 16.06 5.37
C ILE A 12 11.62 17.21 4.37
N GLN A 13 12.39 18.30 4.48
CA GLN A 13 12.28 19.41 3.55
C GLN A 13 12.50 18.95 2.11
N LYS A 14 13.54 18.16 1.90
CA LYS A 14 13.86 17.68 0.57
C LYS A 14 12.86 16.68 0.05
N ALA A 15 12.28 15.86 0.94
CA ALA A 15 11.21 14.95 0.49
C ALA A 15 10.05 15.76 -0.08
N LYS A 16 9.72 16.89 0.57
CA LYS A 16 8.65 17.74 0.08
C LYS A 16 8.97 18.38 -1.27
N LEU A 17 10.22 18.80 -1.45
CA LEU A 17 10.69 19.35 -2.74
C LEU A 17 10.64 18.26 -3.82
N ALA A 18 11.06 17.04 -3.46
CA ALA A 18 11.07 15.95 -4.39
C ALA A 18 9.64 15.64 -4.85
N GLU A 19 8.69 15.64 -3.91
CA GLU A 19 7.29 15.48 -4.27
C GLU A 19 6.83 16.54 -5.31
N GLN A 20 7.17 17.81 -5.05
CA GLN A 20 6.78 18.90 -5.93
C GLN A 20 7.37 18.70 -7.34
N ALA A 21 8.59 18.14 -7.40
CA ALA A 21 9.29 17.84 -8.64
C ALA A 21 8.92 16.48 -9.26
N GLU A 22 8.01 15.76 -8.62
CA GLU A 22 7.61 14.40 -9.02
C GLU A 22 8.81 13.43 -9.13
N ARG A 23 9.75 13.61 -8.22
CA ARG A 23 10.98 12.80 -8.10
C ARG A 23 10.76 11.80 -6.97
N TYR A 24 9.93 10.81 -7.23
CA TYR A 24 9.44 9.92 -6.15
C TYR A 24 10.54 8.98 -5.62
N GLU A 25 11.47 8.54 -6.46
CA GLU A 25 12.59 7.75 -5.98
C GLU A 25 13.40 8.58 -4.96
N ASP A 26 13.72 9.84 -5.30
CA ASP A 26 14.42 10.71 -4.36
C ASP A 26 13.60 10.88 -3.10
N MET A 27 12.29 11.11 -3.28
CA MET A 27 11.42 11.35 -2.12
C MET A 27 11.48 10.16 -1.16
N ALA A 28 11.46 8.95 -1.72
CA ALA A 28 11.48 7.75 -0.89
C ALA A 28 12.82 7.61 -0.16
N ALA A 29 13.92 7.90 -0.86
CA ALA A 29 15.22 7.81 -0.25
C ALA A 29 15.38 8.81 0.90
N PHE A 30 14.85 10.03 0.69
CA PHE A 30 14.88 11.01 1.75
C PHE A 30 14.07 10.55 2.95
N MET A 31 12.88 10.02 2.68
CA MET A 31 12.04 9.55 3.79
C MET A 31 12.62 8.34 4.51
N LYS A 32 13.27 7.43 3.77
CA LYS A 32 13.99 6.31 4.41
C LYS A 32 15.06 6.86 5.35
N GLY A 33 15.80 7.88 4.88
CA GLY A 33 16.79 8.48 5.75
C GLY A 33 16.16 9.06 7.00
N ALA A 34 15.02 9.74 6.83
CA ALA A 34 14.35 10.35 7.97
C ALA A 34 13.90 9.28 8.97
N VAL A 35 13.32 8.19 8.48
CA VAL A 35 12.90 7.11 9.38
C VAL A 35 14.11 6.56 10.15
N GLU A 36 15.23 6.39 9.45
CA GLU A 36 16.42 5.81 10.06
C GLU A 36 17.08 6.70 11.12
N LYS A 37 16.65 7.96 11.25
CA LYS A 37 17.07 8.77 12.38
C LYS A 37 16.58 8.19 13.70
N GLY A 38 15.52 7.38 13.67
CA GLY A 38 15.06 6.68 14.83
C GLY A 38 13.96 7.32 15.64
N GLU A 39 13.56 8.54 15.29
CA GLU A 39 12.45 9.20 15.96
C GLU A 39 11.15 8.79 15.30
N GLU A 40 10.06 8.78 16.07
CA GLU A 40 8.73 8.54 15.51
C GLU A 40 8.41 9.60 14.46
N LEU A 41 7.47 9.26 13.56
CA LEU A 41 7.04 10.17 12.51
C LEU A 41 5.72 10.83 12.90
N SER A 42 5.58 12.11 12.57
CA SER A 42 4.31 12.80 12.69
C SER A 42 3.35 12.31 11.60
N CYS A 43 2.09 12.76 11.68
CA CYS A 43 1.13 12.42 10.66
C CYS A 43 1.58 12.86 9.27
N GLU A 44 2.02 14.11 9.16
CA GLU A 44 2.47 14.63 7.88
C GLU A 44 3.64 13.78 7.33
N GLU A 45 4.55 13.44 8.23
CA GLU A 45 5.71 12.65 7.84
C GLU A 45 5.38 11.23 7.41
N ARG A 46 4.42 10.62 8.10
CA ARG A 46 3.93 9.28 7.71
C ARG A 46 3.36 9.37 6.30
N ASN A 47 2.63 10.44 6.00
CA ASN A 47 2.06 10.58 4.68
C ASN A 47 3.10 10.80 3.59
N LEU A 48 4.18 11.50 3.92
CA LEU A 48 5.26 11.65 2.96
C LEU A 48 5.92 10.31 2.65
N LEU A 49 6.12 9.50 3.70
CA LEU A 49 6.71 8.18 3.54
C LEU A 49 5.82 7.33 2.62
N SER A 50 4.52 7.30 2.93
CA SER A 50 3.59 6.45 2.18
C SER A 50 3.45 6.91 0.75
N VAL A 51 3.35 8.21 0.53
CA VAL A 51 3.21 8.72 -0.85
C VAL A 51 4.43 8.34 -1.69
N ALA A 52 5.63 8.52 -1.13
CA ALA A 52 6.85 8.26 -1.86
C ALA A 52 6.91 6.82 -2.35
N TYR A 53 6.77 5.88 -1.42
CA TYR A 53 6.90 4.45 -1.77
C TYR A 53 5.69 4.01 -2.60
N LYS A 54 4.49 4.56 -2.37
CA LYS A 54 3.33 4.15 -3.17
C LYS A 54 3.57 4.46 -4.64
N ASN A 55 4.18 5.61 -4.90
CA ASN A 55 4.45 6.05 -6.24
C ASN A 55 5.54 5.20 -6.88
N VAL A 56 6.60 4.93 -6.13
CA VAL A 56 7.71 4.12 -6.66
C VAL A 56 7.19 2.71 -7.00
N VAL A 57 6.56 2.05 -6.02
CA VAL A 57 6.11 0.68 -6.25
C VAL A 57 4.98 0.64 -7.27
N GLY A 58 4.12 1.67 -7.27
CA GLY A 58 3.06 1.75 -8.25
C GLY A 58 3.59 1.70 -9.66
N GLY A 59 4.67 2.46 -9.90
CA GLY A 59 5.29 2.42 -11.23
C GLY A 59 5.87 1.06 -11.56
N GLN A 60 6.51 0.42 -10.57
CA GLN A 60 7.09 -0.91 -10.77
C GLN A 60 6.01 -1.95 -11.07
N ARG A 61 4.90 -1.88 -10.34
CA ARG A 61 3.77 -2.80 -10.57
C ARG A 61 3.22 -2.61 -11.98
N ALA A 62 3.07 -1.37 -12.43
CA ALA A 62 2.52 -1.15 -13.74
C ALA A 62 3.47 -1.76 -14.79
N ALA A 63 4.78 -1.56 -14.61
CA ALA A 63 5.75 -2.10 -15.55
C ALA A 63 5.77 -3.61 -15.53
N TRP A 64 5.67 -4.17 -14.33
CA TRP A 64 5.64 -5.62 -14.17
C TRP A 64 4.46 -6.24 -14.90
N ARG A 65 3.31 -5.56 -14.84
CA ARG A 65 2.06 -6.04 -15.48
C ARG A 65 2.24 -5.99 -17.01
N VAL A 66 2.87 -4.94 -17.53
CA VAL A 66 3.08 -4.87 -18.96
C VAL A 66 3.95 -6.05 -19.40
N LEU A 67 5.04 -6.28 -18.67
CA LEU A 67 5.99 -7.30 -19.04
C LEU A 67 5.41 -8.72 -18.85
N SER A 68 4.65 -8.94 -17.77
CA SER A 68 4.01 -10.22 -17.52
C SER A 68 3.02 -10.56 -18.63
N SER A 69 2.28 -9.56 -19.11
CA SER A 69 1.34 -9.75 -20.21
C SER A 69 2.06 -10.19 -21.49
N ILE A 70 3.19 -9.53 -21.78
CA ILE A 70 3.96 -9.88 -22.97
C ILE A 70 4.48 -11.32 -22.83
N GLU A 71 4.95 -11.65 -21.63
CA GLU A 71 5.46 -12.97 -21.34
C GLU A 71 4.39 -14.07 -21.49
N GLN A 72 3.20 -13.81 -20.95
CA GLN A 72 2.07 -14.73 -21.06
C GLN A 72 1.72 -14.98 -22.54
N LYS A 73 1.71 -13.91 -23.34
CA LYS A 73 1.43 -14.01 -24.77
C LYS A 73 2.48 -14.85 -25.52
N SER A 74 3.75 -14.70 -25.12
CA SER A 74 4.84 -15.50 -25.68
C SER A 74 4.70 -17.00 -25.42
N ASN A 75 3.96 -17.37 -24.37
CA ASN A 75 3.78 -18.77 -23.98
C ASN A 75 2.49 -19.43 -24.51
N GLU A 76 1.77 -18.71 -25.39
CA GLU A 76 0.58 -19.22 -26.05
C GLU A 76 0.97 -20.07 -27.23
N GLU A 77 0.04 -20.92 -27.70
CA GLU A 77 0.26 -21.72 -28.89
C GLU A 77 0.37 -20.80 -30.10
N GLY A 78 1.36 -21.10 -30.96
CA GLY A 78 1.55 -20.38 -32.21
C GLY A 78 2.39 -19.13 -32.06
N SER A 79 2.89 -18.88 -30.85
CA SER A 79 3.83 -17.79 -30.59
C SER A 79 5.23 -18.25 -30.93
N GLU A 80 5.96 -17.42 -31.71
CA GLU A 80 7.32 -17.75 -32.15
C GLU A 80 8.23 -17.59 -30.93
N GLU A 81 9.18 -18.52 -30.76
CA GLU A 81 10.15 -18.48 -29.67
C GLU A 81 11.08 -17.29 -29.88
N LYS A 82 11.19 -16.44 -28.86
CA LYS A 82 12.00 -15.23 -28.91
C LYS A 82 13.17 -15.24 -27.92
N GLY A 83 13.32 -16.36 -27.21
CA GLY A 83 14.44 -16.54 -26.32
C GLY A 83 14.11 -16.08 -24.90
N PRO A 84 15.13 -15.97 -24.03
CA PRO A 84 14.90 -15.74 -22.61
C PRO A 84 14.67 -14.27 -22.21
N GLU A 85 14.75 -13.35 -23.17
CA GLU A 85 14.81 -11.94 -22.81
C GLU A 85 13.59 -11.38 -22.10
N VAL A 86 12.38 -11.79 -22.50
CA VAL A 86 11.18 -11.28 -21.88
C VAL A 86 11.13 -11.71 -20.42
N ARG A 87 11.37 -13.00 -20.17
CA ARG A 87 11.41 -13.54 -18.79
C ARG A 87 12.52 -12.84 -18.02
N GLU A 88 13.70 -12.67 -18.62
CA GLU A 88 14.79 -12.05 -17.87
C GLU A 88 14.42 -10.65 -17.42
N TYR A 89 13.83 -9.88 -18.32
CA TYR A 89 13.55 -8.45 -18.03
C TYR A 89 12.37 -8.36 -17.05
N ARG A 90 11.38 -9.24 -17.19
CA ARG A 90 10.29 -9.30 -16.18
C ARG A 90 10.90 -9.63 -14.80
N GLU A 91 11.81 -10.60 -14.76
CA GLU A 91 12.50 -10.97 -13.53
C GLU A 91 13.29 -9.80 -12.95
N LYS A 92 13.92 -8.99 -13.80
CA LYS A 92 14.70 -7.85 -13.33
C LYS A 92 13.80 -6.84 -12.63
N VAL A 93 12.69 -6.50 -13.29
CA VAL A 93 11.72 -5.57 -12.74
C VAL A 93 11.13 -6.13 -11.45
N GLU A 94 10.80 -7.42 -11.48
CA GLU A 94 10.24 -8.10 -10.33
C GLU A 94 11.18 -8.03 -9.11
N THR A 95 12.47 -8.26 -9.36
CA THR A 95 13.44 -8.28 -8.29
C THR A 95 13.55 -6.87 -7.68
N GLU A 96 13.56 -5.85 -8.54
CA GLU A 96 13.62 -4.48 -8.06
C GLU A 96 12.38 -4.13 -7.22
N LEU A 97 11.21 -4.55 -7.69
CA LEU A 97 9.95 -4.38 -6.95
C LEU A 97 10.00 -5.06 -5.58
N GLN A 98 10.46 -6.30 -5.55
CA GLN A 98 10.58 -7.03 -4.29
C GLN A 98 11.53 -6.32 -3.36
N GLY A 99 12.60 -5.75 -3.93
CA GLY A 99 13.54 -5.00 -3.12
C GLY A 99 12.95 -3.79 -2.45
N VAL A 100 12.14 -3.04 -3.18
CA VAL A 100 11.45 -1.91 -2.60
C VAL A 100 10.50 -2.36 -1.48
N CYS A 101 9.73 -3.41 -1.73
CA CYS A 101 8.82 -3.92 -0.75
C CYS A 101 9.57 -4.34 0.50
N ASP A 102 10.69 -5.04 0.33
CA ASP A 102 11.50 -5.45 1.45
C ASP A 102 12.04 -4.25 2.23
N THR A 103 12.42 -3.18 1.52
CA THR A 103 12.90 -1.97 2.16
C THR A 103 11.82 -1.39 3.05
N VAL A 104 10.60 -1.25 2.51
CA VAL A 104 9.51 -0.66 3.28
C VAL A 104 9.19 -1.53 4.49
N LEU A 105 9.07 -2.84 4.27
CA LEU A 105 8.75 -3.77 5.34
C LEU A 105 9.83 -3.68 6.41
N GLY A 106 11.06 -3.50 5.99
CA GLY A 106 12.17 -3.33 6.90
C GLY A 106 12.06 -2.11 7.79
N LEU A 107 11.65 -0.98 7.21
CA LEU A 107 11.44 0.24 7.99
C LEU A 107 10.33 0.03 9.00
N LEU A 108 9.26 -0.65 8.59
CA LEU A 108 8.13 -0.92 9.47
C LEU A 108 8.54 -1.79 10.61
N ASP A 109 9.37 -2.79 10.34
CA ASP A 109 9.80 -3.74 11.36
C ASP A 109 10.92 -3.21 12.25
N SER A 110 11.66 -2.21 11.75
CA SER A 110 12.83 -1.69 12.43
C SER A 110 12.84 -0.16 12.33
N HIS A 111 12.02 0.55 13.13
CA HIS A 111 11.22 0.04 14.24
C HIS A 111 9.87 0.79 14.34
N LEU A 112 9.32 1.20 13.18
CA LEU A 112 8.14 2.02 13.18
C LEU A 112 6.94 1.43 13.92
N ILE A 113 6.61 0.18 13.63
CA ILE A 113 5.44 -0.44 14.21
C ILE A 113 5.57 -0.55 15.73
N LYS A 114 6.68 -1.10 16.20
CA LYS A 114 6.80 -1.37 17.62
C LYS A 114 6.74 -0.11 18.49
N GLU A 115 7.11 1.06 17.93
CA GLU A 115 7.07 2.32 18.67
C GLU A 115 5.75 3.07 18.52
N ALA A 116 4.85 2.57 17.64
CA ALA A 116 3.58 3.24 17.33
C ALA A 116 2.52 2.75 18.29
N GLY A 117 2.11 3.64 19.20
CA GLY A 117 1.11 3.33 20.21
C GLY A 117 -0.26 3.94 20.00
N ASP A 118 -0.31 5.08 19.32
CA ASP A 118 -1.57 5.71 19.05
C ASP A 118 -2.24 4.97 17.91
N ALA A 119 -3.57 4.86 17.97
CA ALA A 119 -4.29 4.09 16.96
C ALA A 119 -4.00 4.59 15.54
N GLU A 120 -3.96 5.90 15.36
CA GLU A 120 -3.78 6.45 14.02
C GLU A 120 -2.44 6.08 13.42
N SER A 121 -1.40 6.03 14.23
CA SER A 121 -0.08 5.65 13.72
C SER A 121 0.00 4.15 13.52
N ARG A 122 -0.43 3.41 14.52
CA ARG A 122 -0.32 1.92 14.48
C ARG A 122 -1.14 1.37 13.32
N VAL A 123 -2.40 1.82 13.15
CA VAL A 123 -3.22 1.31 12.06
C VAL A 123 -2.56 1.67 10.70
N PHE A 124 -2.06 2.90 10.58
CA PHE A 124 -1.45 3.36 9.35
C PHE A 124 -0.30 2.46 8.97
N TYR A 125 0.60 2.17 9.92
CA TYR A 125 1.77 1.31 9.63
C TYR A 125 1.36 -0.13 9.34
N LEU A 126 0.40 -0.66 10.09
CA LEU A 126 -0.02 -2.04 9.85
C LEU A 126 -0.69 -2.16 8.48
N LYS A 127 -1.47 -1.15 8.09
CA LYS A 127 -2.03 -1.10 6.73
C LYS A 127 -0.89 -1.14 5.70
N MET A 128 0.15 -0.31 5.90
CA MET A 128 1.30 -0.32 4.99
C MET A 128 1.91 -1.72 4.93
N LYS A 129 2.06 -2.37 6.09
CA LYS A 129 2.64 -3.71 6.11
C LYS A 129 1.79 -4.65 5.24
N GLY A 130 0.46 -4.60 5.40
CA GLY A 130 -0.43 -5.40 4.58
C GLY A 130 -0.26 -5.09 3.09
N ASP A 131 -0.18 -3.81 2.77
CA ASP A 131 -0.06 -3.37 1.39
C ASP A 131 1.21 -3.93 0.73
N TYR A 132 2.37 -3.84 1.40
CA TYR A 132 3.66 -4.25 0.79
C TYR A 132 3.76 -5.78 0.76
N TYR A 133 3.16 -6.51 1.70
CA TYR A 133 3.04 -7.97 1.53
C TYR A 133 2.09 -8.27 0.36
N ARG A 134 1.04 -7.49 0.17
CA ARG A 134 0.11 -7.69 -0.95
C ARG A 134 0.90 -7.53 -2.25
N TYR A 135 1.74 -6.52 -2.36
CA TYR A 135 2.54 -6.32 -3.60
C TYR A 135 3.49 -7.50 -3.80
N LEU A 136 4.10 -8.00 -2.72
CA LEU A 136 4.89 -9.22 -2.85
C LEU A 136 4.05 -10.41 -3.32
N ALA A 137 2.83 -10.52 -2.80
CA ALA A 137 1.93 -11.61 -3.19
C ALA A 137 1.56 -11.55 -4.67
N GLU A 138 1.44 -10.33 -5.21
CA GLU A 138 1.03 -10.18 -6.60
C GLU A 138 2.01 -10.86 -7.54
N VAL A 139 3.30 -10.90 -7.16
CA VAL A 139 4.33 -11.46 -8.03
C VAL A 139 4.86 -12.83 -7.60
N ALA A 140 4.33 -13.35 -6.50
CA ALA A 140 4.77 -14.60 -5.90
C ALA A 140 4.18 -15.75 -6.66
N THR A 141 5.02 -16.76 -6.93
CA THR A 141 4.63 -17.96 -7.67
C THR A 141 5.20 -19.23 -7.08
N GLY A 142 5.92 -19.13 -5.95
CA GLY A 142 6.65 -20.24 -5.38
C GLY A 142 6.15 -20.78 -4.03
N ASP A 143 7.07 -21.47 -3.32
CA ASP A 143 6.81 -22.23 -2.06
C ASP A 143 6.21 -21.33 -0.95
N ASP A 144 6.56 -20.04 -0.99
CA ASP A 144 6.21 -19.11 0.07
C ASP A 144 5.01 -18.24 -0.23
N LYS A 145 4.36 -18.45 -1.38
CA LYS A 145 3.24 -17.60 -1.76
C LYS A 145 2.15 -17.59 -0.68
N LYS A 146 1.80 -18.78 -0.17
CA LYS A 146 0.78 -18.84 0.86
C LYS A 146 1.18 -18.05 2.09
N ARG A 147 2.44 -18.18 2.51
CA ARG A 147 2.90 -17.48 3.74
C ARG A 147 2.92 -15.97 3.45
N ILE A 148 3.27 -15.54 2.23
CA ILE A 148 3.26 -14.11 1.92
C ILE A 148 1.83 -13.57 2.01
N ILE A 149 0.89 -14.28 1.42
CA ILE A 149 -0.52 -13.91 1.49
C ILE A 149 -0.98 -13.84 2.94
N ASP A 150 -0.58 -14.81 3.74
CA ASP A 150 -1.00 -14.80 5.14
C ASP A 150 -0.40 -13.65 5.91
N SER A 151 0.84 -13.25 5.55
CA SER A 151 1.47 -12.12 6.19
C SER A 151 0.68 -10.84 5.91
N ALA A 152 0.22 -10.68 4.67
CA ALA A 152 -0.61 -9.54 4.33
C ALA A 152 -1.90 -9.57 5.14
N ARG A 153 -2.58 -10.72 5.12
CA ARG A 153 -3.85 -10.89 5.84
C ARG A 153 -3.68 -10.54 7.33
N SER A 154 -2.63 -11.07 7.95
CA SER A 154 -2.43 -10.85 9.38
C SER A 154 -2.25 -9.40 9.74
N ALA A 155 -1.48 -8.69 8.91
CA ALA A 155 -1.20 -7.29 9.15
C ALA A 155 -2.50 -6.48 9.01
N TYR A 156 -3.22 -6.72 7.93
CA TYR A 156 -4.51 -6.03 7.68
C TYR A 156 -5.49 -6.37 8.83
N GLN A 157 -5.52 -7.61 9.29
CA GLN A 157 -6.48 -7.98 10.31
C GLN A 157 -6.19 -7.27 11.64
N GLU A 158 -4.91 -7.21 12.02
CA GLU A 158 -4.54 -6.45 13.21
C GLU A 158 -4.96 -5.00 13.09
N ALA A 159 -4.67 -4.39 11.95
CA ALA A 159 -5.06 -3.02 11.71
C ALA A 159 -6.58 -2.84 11.82
N MET A 160 -7.33 -3.78 11.23
CA MET A 160 -8.78 -3.74 11.26
C MET A 160 -9.29 -3.80 12.69
N ASP A 161 -8.70 -4.70 13.49
CA ASP A 161 -9.19 -4.89 14.85
C ASP A 161 -9.00 -3.57 15.66
N ILE A 162 -7.81 -2.96 15.53
CA ILE A 162 -7.55 -1.70 16.22
C ILE A 162 -8.49 -0.60 15.71
N SER A 163 -8.65 -0.50 14.38
CA SER A 163 -9.43 0.58 13.80
C SER A 163 -10.88 0.51 14.28
N LYS A 164 -11.43 -0.70 14.36
CA LYS A 164 -12.81 -0.83 14.76
C LYS A 164 -13.04 -0.45 16.23
N LYS A 165 -12.03 -0.69 17.07
CA LYS A 165 -12.11 -0.36 18.49
C LYS A 165 -11.88 1.11 18.78
N GLU A 166 -10.95 1.73 18.05
CA GLU A 166 -10.36 3.00 18.43
C GLU A 166 -10.70 4.21 17.56
N MET A 167 -11.28 3.96 16.37
CA MET A 167 -11.53 5.04 15.40
C MET A 167 -12.99 5.06 15.00
N PRO A 168 -13.56 6.23 14.68
CA PRO A 168 -14.91 6.31 14.17
C PRO A 168 -14.98 5.71 12.77
N PRO A 169 -16.17 5.29 12.33
CA PRO A 169 -16.32 4.63 11.04
C PRO A 169 -15.99 5.54 9.84
N THR A 170 -15.96 6.86 10.05
CA THR A 170 -15.58 7.79 9.00
C THR A 170 -14.12 8.16 8.95
N ASN A 171 -13.33 7.65 9.89
CA ASN A 171 -11.92 8.04 9.96
C ASN A 171 -11.24 7.64 8.66
N PRO A 172 -10.59 8.57 7.92
CA PRO A 172 -10.00 8.23 6.62
C PRO A 172 -9.00 7.06 6.66
N ILE A 173 -8.25 6.91 7.75
CA ILE A 173 -7.36 5.79 7.86
C ILE A 173 -8.13 4.47 7.96
N ARG A 174 -9.15 4.43 8.78
CA ARG A 174 -10.03 3.25 8.89
C ARG A 174 -10.65 2.95 7.52
N LEU A 175 -11.13 3.98 6.81
CA LEU A 175 -11.72 3.76 5.50
C LEU A 175 -10.70 3.24 4.50
N GLY A 176 -9.53 3.84 4.45
CA GLY A 176 -8.53 3.39 3.49
C GLY A 176 -8.02 2.01 3.73
N LEU A 177 -7.86 1.66 5.00
CA LEU A 177 -7.53 0.29 5.38
C LEU A 177 -8.58 -0.68 4.85
N ALA A 178 -9.85 -0.39 5.08
CA ALA A 178 -10.95 -1.26 4.65
C ALA A 178 -10.98 -1.38 3.13
N LEU A 179 -10.79 -0.26 2.42
CA LEU A 179 -10.72 -0.27 0.98
C LEU A 179 -9.64 -1.24 0.52
N ASN A 180 -8.44 -1.13 1.09
CA ASN A 180 -7.31 -1.95 0.62
C ASN A 180 -7.44 -3.42 1.03
N PHE A 181 -7.93 -3.67 2.25
CA PHE A 181 -8.17 -5.05 2.71
C PHE A 181 -9.24 -5.72 1.84
N SER A 182 -10.26 -4.96 1.46
CA SER A 182 -11.28 -5.45 0.52
C SER A 182 -10.65 -5.83 -0.81
N VAL A 183 -9.77 -4.98 -1.35
CA VAL A 183 -9.04 -5.35 -2.57
C VAL A 183 -8.18 -6.59 -2.37
N PHE A 184 -7.48 -6.70 -1.25
CA PHE A 184 -6.76 -7.93 -0.90
C PHE A 184 -7.68 -9.17 -1.03
N HIS A 185 -8.87 -9.09 -0.45
CA HIS A 185 -9.79 -10.21 -0.50
C HIS A 185 -10.12 -10.56 -1.94
N TYR A 186 -10.40 -9.55 -2.76
CA TYR A 186 -10.88 -9.75 -4.14
C TYR A 186 -9.76 -10.28 -5.03
N GLU A 187 -8.59 -9.64 -4.96
CA GLU A 187 -7.52 -9.85 -5.93
C GLU A 187 -6.46 -10.89 -5.53
N ILE A 188 -6.28 -11.07 -4.22
CA ILE A 188 -5.23 -11.92 -3.69
C ILE A 188 -5.75 -13.22 -3.04
N ALA A 189 -6.78 -13.08 -2.20
CA ALA A 189 -7.29 -14.19 -1.41
C ALA A 189 -8.41 -15.00 -2.08
N ASN A 190 -8.79 -14.60 -3.29
CA ASN A 190 -9.83 -15.31 -4.04
C ASN A 190 -11.11 -15.37 -3.24
N SER A 191 -11.44 -14.23 -2.60
CA SER A 191 -12.60 -14.11 -1.73
C SER A 191 -13.45 -12.92 -2.12
N PRO A 192 -14.04 -12.89 -3.34
CA PRO A 192 -14.78 -11.72 -3.79
C PRO A 192 -16.00 -11.41 -2.90
N GLU A 193 -16.66 -12.42 -2.36
CA GLU A 193 -17.77 -12.15 -1.45
C GLU A 193 -17.34 -11.40 -0.20
N GLU A 194 -16.21 -11.78 0.37
CA GLU A 194 -15.70 -11.09 1.53
C GLU A 194 -15.33 -9.63 1.16
N ALA A 195 -14.75 -9.46 -0.03
CA ALA A 195 -14.38 -8.15 -0.51
C ALA A 195 -15.58 -7.23 -0.62
N ILE A 196 -16.65 -7.74 -1.21
CA ILE A 196 -17.86 -6.99 -1.44
C ILE A 196 -18.53 -6.68 -0.08
N SER A 197 -18.64 -7.67 0.79
CA SER A 197 -19.24 -7.45 2.12
C SER A 197 -18.50 -6.38 2.87
N LEU A 198 -17.17 -6.46 2.86
CA LEU A 198 -16.37 -5.49 3.60
C LEU A 198 -16.57 -4.09 3.05
N ALA A 199 -16.50 -3.94 1.73
CA ALA A 199 -16.69 -2.64 1.14
C ALA A 199 -18.07 -2.04 1.46
N LYS A 200 -19.11 -2.87 1.34
CA LYS A 200 -20.48 -2.43 1.57
C LYS A 200 -20.66 -1.99 3.03
N THR A 201 -20.30 -2.87 3.98
CA THR A 201 -20.48 -2.58 5.37
C THR A 201 -19.70 -1.32 5.75
N THR A 202 -18.48 -1.20 5.23
CA THR A 202 -17.65 -0.03 5.55
C THR A 202 -18.31 1.24 5.06
N PHE A 203 -18.82 1.19 3.83
CA PHE A 203 -19.49 2.36 3.23
C PHE A 203 -20.72 2.74 4.05
N ASP A 204 -21.54 1.75 4.39
CA ASP A 204 -22.81 2.03 5.02
C ASP A 204 -22.61 2.56 6.45
N GLU A 205 -21.62 2.01 7.17
CA GLU A 205 -21.35 2.50 8.51
C GLU A 205 -20.75 3.89 8.50
N ALA A 206 -19.96 4.21 7.47
CA ALA A 206 -19.44 5.56 7.33
C ALA A 206 -20.57 6.55 7.01
N MET A 207 -21.45 6.17 6.09
CA MET A 207 -22.59 7.01 5.71
C MET A 207 -23.36 7.47 6.95
N ALA A 208 -23.63 6.52 7.85
CA ALA A 208 -24.37 6.76 9.07
C ALA A 208 -23.69 7.67 10.07
N ASP A 209 -22.39 7.93 9.91
CA ASP A 209 -21.62 8.75 10.87
C ASP A 209 -21.22 10.11 10.25
N LEU A 210 -21.56 10.35 8.97
CA LEU A 210 -21.18 11.60 8.31
C LEU A 210 -21.78 12.82 9.05
N HIS A 211 -22.94 12.64 9.69
CA HIS A 211 -23.66 13.74 10.32
C HIS A 211 -22.86 14.38 11.43
N THR A 212 -21.87 13.66 11.96
CA THR A 212 -21.04 14.14 13.09
C THR A 212 -19.91 15.05 12.67
N LEU A 213 -19.67 15.15 11.36
CA LEU A 213 -18.47 15.75 10.84
C LEU A 213 -18.61 17.20 10.39
N SER A 214 -17.48 17.91 10.48
CA SER A 214 -17.32 19.19 9.84
C SER A 214 -17.33 19.06 8.32
N GLU A 215 -17.42 20.20 7.63
CA GLU A 215 -17.38 20.22 6.18
C GLU A 215 -16.05 19.60 5.68
N ASP A 216 -14.94 19.97 6.32
CA ASP A 216 -13.65 19.49 5.84
C ASP A 216 -13.46 18.00 6.12
N SER A 217 -13.92 17.51 7.29
CA SER A 217 -13.83 16.07 7.58
C SER A 217 -14.75 15.28 6.64
N TYR A 218 -15.93 15.83 6.37
CA TYR A 218 -16.89 15.25 5.41
C TYR A 218 -16.24 15.08 4.04
N LYS A 219 -15.53 16.10 3.58
CA LYS A 219 -14.84 15.98 2.29
C LYS A 219 -13.86 14.82 2.28
N ASP A 220 -13.05 14.72 3.34
CA ASP A 220 -12.01 13.70 3.43
C ASP A 220 -12.65 12.30 3.40
N SER A 221 -13.71 12.11 4.18
CA SER A 221 -14.33 10.81 4.36
C SER A 221 -15.08 10.39 3.09
N THR A 222 -15.82 11.33 2.50
CA THR A 222 -16.62 11.00 1.33
C THR A 222 -15.72 10.67 0.13
N LEU A 223 -14.54 11.27 0.05
CA LEU A 223 -13.59 10.92 -1.02
C LEU A 223 -13.29 9.43 -1.01
N ILE A 224 -12.97 8.88 0.17
CA ILE A 224 -12.62 7.46 0.24
C ILE A 224 -13.87 6.61 0.12
N MET A 225 -15.01 7.10 0.64
CA MET A 225 -16.25 6.35 0.46
C MET A 225 -16.56 6.16 -1.03
N GLN A 226 -16.25 7.18 -1.84
CA GLN A 226 -16.50 7.07 -3.26
C GLN A 226 -15.63 5.97 -3.91
N LEU A 227 -14.42 5.79 -3.40
CA LEU A 227 -13.56 4.70 -3.88
C LEU A 227 -14.15 3.33 -3.53
N LEU A 228 -14.71 3.20 -2.32
CA LEU A 228 -15.40 1.99 -1.96
C LEU A 228 -16.54 1.71 -2.93
N ARG A 229 -17.33 2.74 -3.23
CA ARG A 229 -18.47 2.65 -4.18
C ARG A 229 -17.94 2.26 -5.56
N ASP A 230 -16.83 2.86 -5.99
CA ASP A 230 -16.29 2.60 -7.32
C ASP A 230 -15.94 1.12 -7.42
N ASN A 231 -15.31 0.57 -6.38
CA ASN A 231 -14.94 -0.83 -6.41
C ASN A 231 -16.16 -1.72 -6.38
N LEU A 232 -17.16 -1.37 -5.56
CA LEU A 232 -18.42 -2.12 -5.54
C LEU A 232 -19.05 -2.15 -6.91
N THR A 233 -19.02 -1.00 -7.60
CA THR A 233 -19.56 -0.93 -8.95
C THR A 233 -18.81 -1.83 -9.95
N LEU A 234 -17.49 -1.89 -9.80
CA LEU A 234 -16.67 -2.74 -10.64
C LEU A 234 -17.00 -4.22 -10.43
N TRP A 235 -17.34 -4.57 -9.17
CA TRP A 235 -17.46 -5.96 -8.75
C TRP A 235 -18.86 -6.54 -8.78
N THR A 236 -19.88 -5.70 -8.99
CA THR A 236 -21.27 -6.12 -8.94
C THR A 236 -22.01 -5.73 -10.22
N PHE B 1 -8.46 -2.37 -12.94
CA PHE B 1 -7.80 -2.49 -11.60
C PHE B 1 -8.51 -1.66 -10.52
N PRO B 2 -8.75 -2.23 -9.34
CA PRO B 2 -9.53 -1.54 -8.32
C PRO B 2 -8.76 -0.44 -7.58
N ALA B 3 -9.50 0.46 -6.95
CA ALA B 3 -8.92 1.55 -6.21
C ALA B 3 -8.36 1.09 -4.87
N TPO B 4 -7.14 1.56 -4.59
CA TPO B 4 -6.47 1.48 -3.27
CB TPO B 4 -5.44 0.34 -3.23
CG2 TPO B 4 -6.07 -1.01 -3.42
OG1 TPO B 4 -4.53 0.61 -4.33
P TPO B 4 -3.15 -0.20 -4.53
O1P TPO B 4 -2.35 0.67 -5.47
O2P TPO B 4 -3.47 -1.55 -5.12
O3P TPO B 4 -2.51 -0.29 -3.16
C TPO B 4 -5.86 2.83 -2.94
O TPO B 4 -5.63 3.65 -3.87
N VAL B 5 -5.64 3.08 -1.66
CA VAL B 5 -5.01 4.30 -1.24
C VAL B 5 -3.79 4.08 -0.41
MG MG C . -15.21 -9.03 9.63
MG MG D . 20.32 16.29 14.06
MG MG E . 11.41 -13.88 -9.36
C1 NQ0 F . -2.90 10.77 8.70
C2 NQ0 F . -1.59 10.98 9.44
C3 NQ0 F . -4.11 10.00 6.71
C4 NQ0 F . -4.54 11.03 5.65
C5 NQ0 F . -6.05 10.93 5.49
C6 NQ0 F . -6.57 11.66 4.27
C7 NQ0 F . -6.42 10.73 1.97
C11 NQ0 F . -3.75 6.35 3.56
C13 NQ0 F . -6.11 6.80 3.74
C14 NQ0 F . -5.99 7.82 2.81
C15 NQ0 F . -6.24 9.84 -0.42
C16 NQ0 F . -5.24 10.94 -0.30
C18 NQ0 F . -3.79 10.81 4.33
O1 NQ0 F . -3.95 11.10 9.29
N1 NQ0 F . -2.89 10.27 7.46
N2 NQ0 F . -5.84 11.26 3.06
O2 NQ0 F . -7.65 10.75 1.82
C8 NQ0 F . -5.57 10.09 0.90
N3 NQ0 F . -4.55 9.13 1.31
C9 NQ0 F . -4.75 8.10 2.24
C10 NQ0 F . -3.63 7.37 2.64
C12 NQ0 F . -4.99 6.08 4.09
CL2 NQ0 F . -5.14 4.79 5.24
C17 NQ0 F . -4.41 11.59 3.18
#